data_3BW7
#
_entry.id   3BW7
#
_cell.length_a   250.0
_cell.length_b   51.2
_cell.length_c   51.4
_cell.angle_alpha   90.00
_cell.angle_beta   94.2
_cell.angle_gamma   90.00
#
_symmetry.space_group_name_H-M   'C 1 2 1'
#
loop_
_entity.id
_entity.type
_entity.pdbx_description
1 polymer 'Cytokinin dehydrogenase 1'
2 branched 2-acetamido-2-deoxy-beta-D-glucopyranose-(1-4)-2-acetamido-2-deoxy-beta-D-glucopyranose
3 non-polymer 2-acetamido-2-deoxy-beta-D-glucopyranose
4 non-polymer 'FLAVIN-ADENINE DINUCLEOTIDE'
5 non-polymer N6-(penta-2,3-dienyl)adenine
6 non-polymer GLYCEROL
7 water water
#
_entity_poly.entity_id   1
_entity_poly.type   'polypeptide(L)'
_entity_poly.pdbx_seq_one_letter_code
;LAAGTPALGDDRGRPWPASLAALALDGKLRTDSNATAAASTDFGNITSALPAAVLYPSSTADLVALLSAANSTPGWPYTI
AFRGRGHSLMGQAFAPGGVVVNMASLGDAAAPPRINVSADGRYVDAGGEQVWIDVLRASLARGVAPRSWTDYLYLTVGGT
LSNAGISGQAFRHGPQISNVLEMDVITGHGEMVTCSKQLNADLFDAVLGGLGQFGVITRARIAVEPAPARARWVRLVYTD
FAAFSADQERLTAPRPGGGGASFGPMSYVEGSVFVNQSLATDLANTGFFTDADVARIVALAGERNATTVYSIEATLNYDN
ATAAAAAVDQELASVLGTLSYVEGFAFQRDVAYAAFLDRVHGEEVALNKLGLWRVPHPWLNMFVPRSRIADFDRGVFKGI
LQGTDIVGPLIVYPLNKSMWDDGMSAATPSEDVFYAVSLLFSSVAPNDLARLQEQNRRILRFCDLAGIQYKTYLARHTDR
SDWVRHFGAAKWNRFVEMKNKYDPKRLLSPGQDIFN
;
_entity_poly.pdbx_strand_id   A
#
loop_
_chem_comp.id
_chem_comp.type
_chem_comp.name
_chem_comp.formula
301 non-polymer N6-(penta-2,3-dienyl)adenine 'C10 H11 N5'
FAD non-polymer 'FLAVIN-ADENINE DINUCLEOTIDE' 'C27 H33 N9 O15 P2'
GOL non-polymer GLYCEROL 'C3 H8 O3'
NAG D-saccharide, beta linking 2-acetamido-2-deoxy-beta-D-glucopyranose 'C8 H15 N O6'
#
# COMPACT_ATOMS: atom_id res chain seq x y z
N ARG A 14 16.46 22.80 26.71
CA ARG A 14 15.63 23.96 27.13
C ARG A 14 15.70 25.11 26.11
N PRO A 15 16.92 25.60 25.82
CA PRO A 15 17.04 26.69 24.84
C PRO A 15 16.64 26.24 23.44
N TRP A 16 16.07 27.16 22.66
CA TRP A 16 15.63 26.86 21.30
C TRP A 16 16.55 27.43 20.24
N PRO A 17 16.93 26.62 19.23
CA PRO A 17 17.80 27.15 18.20
C PRO A 17 17.00 28.22 17.45
N ALA A 18 17.67 29.23 16.90
CA ALA A 18 17.00 30.31 16.19
C ALA A 18 16.04 29.84 15.09
N SER A 19 16.50 28.94 14.23
CA SER A 19 15.66 28.46 13.13
C SER A 19 14.43 27.72 13.61
N LEU A 20 14.51 27.11 14.79
CA LEU A 20 13.38 26.38 15.35
C LEU A 20 12.36 27.36 15.92
N ALA A 21 12.85 28.39 16.60
CA ALA A 21 11.96 29.39 17.19
C ALA A 21 11.24 30.16 16.08
N ALA A 22 11.94 30.33 14.95
CA ALA A 22 11.38 31.04 13.81
C ALA A 22 10.14 30.31 13.30
N LEU A 23 10.14 28.99 13.42
CA LEU A 23 9.00 28.19 12.98
C LEU A 23 7.76 28.51 13.83
N ALA A 24 7.96 28.67 15.13
CA ALA A 24 6.87 28.97 16.04
C ALA A 24 6.40 30.41 15.79
N LEU A 25 7.36 31.30 15.59
CA LEU A 25 7.07 32.71 15.34
C LEU A 25 6.20 32.87 14.10
N ASP A 26 6.45 32.06 13.08
CA ASP A 26 5.68 32.13 11.85
C ASP A 26 4.36 31.35 11.91
N GLY A 27 4.07 30.79 13.07
CA GLY A 27 2.83 30.03 13.24
C GLY A 27 2.82 28.65 12.60
N LYS A 28 4.01 28.10 12.31
CA LYS A 28 4.11 26.78 11.70
C LYS A 28 4.07 25.66 12.73
N LEU A 29 4.43 25.98 13.98
CA LEU A 29 4.40 25.01 15.07
C LEU A 29 3.16 25.26 15.91
N ARG A 30 2.16 24.40 15.75
CA ARG A 30 0.91 24.56 16.49
C ARG A 30 0.75 23.57 17.64
N THR A 31 0.17 24.04 18.74
CA THR A 31 -0.07 23.21 19.90
C THR A 31 -1.54 23.23 20.31
N ASP A 32 -2.37 23.92 19.53
CA ASP A 32 -3.79 23.98 19.83
C ASP A 32 -4.44 22.61 19.69
N SER A 33 -5.51 22.38 20.45
CA SER A 33 -6.22 21.12 20.43
C SER A 33 -6.71 20.70 19.04
N ASN A 34 -7.06 21.66 18.20
CA ASN A 34 -7.53 21.36 16.86
C ASN A 34 -6.42 20.71 16.05
N ALA A 35 -5.22 21.27 16.13
CA ALA A 35 -4.07 20.75 15.40
C ALA A 35 -3.63 19.39 15.92
N THR A 36 -3.44 19.28 17.23
CA THR A 36 -3.00 18.02 17.83
C THR A 36 -4.00 16.88 17.66
N ALA A 37 -5.29 17.20 17.74
CA ALA A 37 -6.33 16.19 17.60
C ALA A 37 -6.37 15.59 16.19
N ALA A 38 -6.26 16.44 15.18
CA ALA A 38 -6.30 15.97 13.80
C ALA A 38 -5.13 15.03 13.50
N ALA A 39 -4.04 15.21 14.23
CA ALA A 39 -2.85 14.38 14.04
C ALA A 39 -2.75 13.27 15.08
N SER A 40 -3.87 12.97 15.75
CA SER A 40 -3.87 11.92 16.77
C SER A 40 -4.63 10.66 16.36
N THR A 41 -5.26 10.67 15.19
CA THR A 41 -6.00 9.50 14.73
C THR A 41 -5.62 9.14 13.29
N ASP A 42 -5.88 7.90 12.90
CA ASP A 42 -5.57 7.47 11.55
C ASP A 42 -6.69 6.63 10.96
N PHE A 43 -6.50 6.17 9.73
CA PHE A 43 -7.50 5.35 9.04
C PHE A 43 -7.90 4.11 9.83
N GLY A 44 -6.94 3.50 10.51
CA GLY A 44 -7.25 2.32 11.31
C GLY A 44 -8.41 2.59 12.26
N ASN A 45 -8.45 3.80 12.81
CA ASN A 45 -9.51 4.21 13.72
C ASN A 45 -9.61 3.25 14.91
N ILE A 46 -8.47 2.69 15.31
CA ILE A 46 -8.42 1.74 16.41
C ILE A 46 -7.56 2.26 17.55
N THR A 47 -6.45 2.92 17.21
CA THR A 47 -5.56 3.47 18.21
C THR A 47 -5.40 4.97 17.96
N SER A 48 -5.05 5.73 19.00
CA SER A 48 -4.86 7.16 18.87
C SER A 48 -3.84 7.63 19.90
N ALA A 49 -3.12 8.69 19.55
CA ALA A 49 -2.11 9.26 20.45
C ALA A 49 -1.91 10.73 20.11
N LEU A 50 -2.09 11.59 21.11
CA LEU A 50 -1.93 13.02 20.92
C LEU A 50 -0.47 13.44 20.91
N PRO A 51 -0.08 14.25 19.92
CA PRO A 51 1.31 14.71 19.84
C PRO A 51 1.34 16.00 20.67
N ALA A 52 2.53 16.48 21.01
CA ALA A 52 2.65 17.71 21.78
C ALA A 52 2.49 18.89 20.84
N ALA A 53 2.88 18.70 19.58
CA ALA A 53 2.78 19.75 18.59
C ALA A 53 2.72 19.19 17.17
N VAL A 54 2.28 20.03 16.25
CA VAL A 54 2.21 19.66 14.85
C VAL A 54 2.93 20.75 14.05
N LEU A 55 3.78 20.34 13.13
CA LEU A 55 4.53 21.28 12.30
C LEU A 55 3.95 21.32 10.88
N TYR A 56 3.70 22.53 10.39
CA TYR A 56 3.17 22.74 9.05
C TYR A 56 4.26 23.43 8.24
N PRO A 57 5.22 22.64 7.71
CA PRO A 57 6.34 23.16 6.92
C PRO A 57 5.90 23.74 5.58
N SER A 58 6.51 24.86 5.20
CA SER A 58 6.18 25.50 3.93
C SER A 58 7.28 25.23 2.90
N SER A 59 8.38 24.64 3.37
CA SER A 59 9.50 24.30 2.50
C SER A 59 10.34 23.24 3.21
N THR A 60 11.25 22.60 2.47
CA THR A 60 12.09 21.57 3.05
C THR A 60 13.05 22.14 4.10
N ALA A 61 13.31 23.45 4.00
CA ALA A 61 14.20 24.10 4.96
C ALA A 61 13.62 24.02 6.36
N ASP A 62 12.29 24.08 6.47
CA ASP A 62 11.64 24.00 7.78
C ASP A 62 11.89 22.62 8.40
N LEU A 63 11.95 21.59 7.56
CA LEU A 63 12.19 20.24 8.04
C LEU A 63 13.64 20.10 8.51
N VAL A 64 14.55 20.72 7.76
CA VAL A 64 15.96 20.70 8.14
C VAL A 64 16.11 21.36 9.51
N ALA A 65 15.39 22.47 9.70
CA ALA A 65 15.45 23.21 10.95
C ALA A 65 15.00 22.35 12.14
N LEU A 66 13.88 21.67 11.98
CA LEU A 66 13.34 20.81 13.05
C LEU A 66 14.31 19.68 13.39
N LEU A 67 14.68 18.91 12.39
CA LEU A 67 15.58 17.77 12.58
C LEU A 67 16.99 18.19 13.04
N SER A 68 17.46 19.33 12.58
CA SER A 68 18.77 19.81 12.99
C SER A 68 18.72 20.19 14.46
N ALA A 69 17.63 20.85 14.86
CA ALA A 69 17.45 21.24 16.25
C ALA A 69 17.46 20.00 17.12
N ALA A 70 16.67 19.00 16.74
CA ALA A 70 16.58 17.76 17.49
C ALA A 70 17.94 17.08 17.61
N ASN A 71 18.70 17.07 16.52
CA ASN A 71 20.00 16.43 16.51
C ASN A 71 21.06 17.17 17.34
N SER A 72 20.94 18.49 17.41
CA SER A 72 21.92 19.29 18.15
C SER A 72 21.50 19.67 19.56
N THR A 73 20.29 19.30 19.96
CA THR A 73 19.80 19.62 21.30
C THR A 73 19.95 18.48 22.29
N PRO A 74 20.93 18.57 23.20
CA PRO A 74 21.13 17.51 24.19
C PRO A 74 19.85 17.30 25.00
N GLY A 75 19.36 16.06 25.05
CA GLY A 75 18.16 15.77 25.80
C GLY A 75 16.86 15.98 25.06
N TRP A 76 16.91 16.30 23.77
CA TRP A 76 15.70 16.51 22.98
C TRP A 76 14.76 15.35 23.29
N PRO A 77 13.58 15.64 23.83
CA PRO A 77 12.62 14.59 24.18
C PRO A 77 11.44 14.37 23.25
N TYR A 78 11.46 14.99 22.07
CA TYR A 78 10.33 14.84 21.15
C TYR A 78 10.53 13.92 19.96
N THR A 79 9.75 12.84 19.91
CA THR A 79 9.84 11.93 18.78
C THR A 79 9.18 12.69 17.62
N ILE A 80 9.52 12.30 16.39
CA ILE A 80 8.99 12.99 15.21
C ILE A 80 8.41 12.03 14.18
N ALA A 81 7.20 12.32 13.73
CA ALA A 81 6.53 11.49 12.73
C ALA A 81 6.18 12.35 11.51
N PHE A 82 6.10 11.71 10.35
CA PHE A 82 5.79 12.42 9.12
C PHE A 82 4.43 11.93 8.62
N ARG A 83 3.39 12.72 8.89
CA ARG A 83 2.04 12.34 8.48
C ARG A 83 1.76 12.67 7.02
N GLY A 84 1.45 11.63 6.23
CA GLY A 84 1.12 11.83 4.84
C GLY A 84 -0.38 12.03 4.80
N ARG A 85 -1.14 10.98 4.53
CA ARG A 85 -2.60 11.06 4.50
C ARG A 85 -3.14 10.33 5.73
N GLY A 86 -2.23 9.76 6.52
CA GLY A 86 -2.65 9.05 7.72
C GLY A 86 -3.41 7.77 7.46
N HIS A 87 -3.08 7.06 6.39
CA HIS A 87 -3.78 5.81 6.09
C HIS A 87 -3.25 4.63 6.88
N SER A 88 -2.35 4.90 7.81
CA SER A 88 -1.79 3.88 8.68
C SER A 88 -2.94 3.21 9.42
N LEU A 89 -2.75 1.95 9.80
CA LEU A 89 -3.78 1.17 10.48
C LEU A 89 -3.67 1.09 11.99
N MET A 90 -2.44 1.18 12.52
CA MET A 90 -2.24 1.07 13.96
C MET A 90 -1.28 2.09 14.57
N GLY A 91 -1.50 3.37 14.24
CA GLY A 91 -0.69 4.45 14.79
C GLY A 91 0.73 4.69 14.30
N GLN A 92 1.08 4.11 13.16
CA GLN A 92 2.44 4.28 12.63
C GLN A 92 2.80 5.73 12.30
N ALA A 93 1.80 6.59 12.15
CA ALA A 93 2.05 7.98 11.82
C ALA A 93 1.92 8.92 13.04
N PHE A 94 1.80 8.35 14.23
CA PHE A 94 1.65 9.16 15.45
C PHE A 94 3.01 9.47 16.10
N ALA A 95 3.04 10.54 16.88
CA ALA A 95 4.23 10.93 17.62
C ALA A 95 3.73 11.24 19.03
N PRO A 96 3.48 10.20 19.83
CA PRO A 96 2.98 10.36 21.20
C PRO A 96 3.80 11.37 22.01
N GLY A 97 3.15 12.49 22.35
CA GLY A 97 3.83 13.53 23.10
C GLY A 97 4.97 14.17 22.34
N GLY A 98 5.00 13.97 21.03
CA GLY A 98 6.07 14.53 20.23
C GLY A 98 5.60 15.53 19.19
N VAL A 99 6.27 15.53 18.03
CA VAL A 99 5.91 16.44 16.96
C VAL A 99 5.54 15.68 15.69
N VAL A 100 4.33 15.91 15.20
CA VAL A 100 3.86 15.29 13.97
C VAL A 100 4.03 16.32 12.86
N VAL A 101 4.70 15.93 11.78
CA VAL A 101 4.88 16.85 10.66
C VAL A 101 3.73 16.67 9.67
N ASN A 102 2.99 17.75 9.42
CA ASN A 102 1.88 17.71 8.47
C ASN A 102 2.50 17.92 7.09
N MET A 103 2.96 16.82 6.49
CA MET A 103 3.62 16.83 5.19
C MET A 103 2.93 17.58 4.06
N ALA A 104 1.60 17.50 4.03
CA ALA A 104 0.82 18.16 2.97
C ALA A 104 1.15 19.65 2.85
N SER A 105 1.57 20.27 3.95
CA SER A 105 1.88 21.69 3.95
C SER A 105 2.96 22.07 2.93
N LEU A 106 3.86 21.13 2.63
CA LEU A 106 4.93 21.40 1.67
C LEU A 106 4.35 21.69 0.29
N GLY A 107 3.10 21.32 0.08
CA GLY A 107 2.47 21.54 -1.21
C GLY A 107 1.41 22.63 -1.24
N ASP A 108 1.36 23.47 -0.23
CA ASP A 108 0.36 24.54 -0.20
C ASP A 108 0.64 25.58 -1.28
N ALA A 109 1.91 25.85 -1.54
CA ALA A 109 2.30 26.83 -2.54
C ALA A 109 2.05 26.32 -3.96
N ALA A 110 1.60 27.23 -4.83
CA ALA A 110 1.32 26.87 -6.22
C ALA A 110 2.62 26.82 -7.03
N ALA A 111 3.65 27.49 -6.52
CA ALA A 111 4.94 27.51 -7.19
C ALA A 111 6.07 27.60 -6.17
N PRO A 112 7.19 26.90 -6.42
CA PRO A 112 7.39 26.05 -7.59
C PRO A 112 6.61 24.75 -7.51
N PRO A 113 6.27 24.16 -8.67
CA PRO A 113 5.52 22.90 -8.67
C PRO A 113 6.19 21.80 -7.85
N ARG A 114 5.37 20.93 -7.27
CA ARG A 114 5.88 19.84 -6.45
C ARG A 114 5.92 18.54 -7.24
N ILE A 115 5.56 18.62 -8.52
CA ILE A 115 5.56 17.47 -9.42
C ILE A 115 6.04 17.91 -10.80
N ASN A 116 7.18 17.37 -11.23
CA ASN A 116 7.74 17.73 -12.53
C ASN A 116 8.07 16.50 -13.37
N VAL A 117 7.39 16.36 -14.50
CA VAL A 117 7.67 15.25 -15.39
C VAL A 117 8.97 15.61 -16.11
N SER A 118 9.88 14.65 -16.20
CA SER A 118 11.16 14.87 -16.84
C SER A 118 11.03 15.42 -18.25
N ALA A 119 12.01 16.23 -18.66
CA ALA A 119 12.01 16.82 -19.99
C ALA A 119 11.96 15.72 -21.05
N ASP A 120 12.65 14.61 -20.78
CA ASP A 120 12.67 13.49 -21.73
C ASP A 120 11.54 12.49 -21.50
N GLY A 121 10.67 12.78 -20.54
CA GLY A 121 9.54 11.90 -20.24
C GLY A 121 9.88 10.49 -19.77
N ARG A 122 11.05 10.34 -19.16
CA ARG A 122 11.47 9.03 -18.68
C ARG A 122 11.15 8.84 -17.20
N TYR A 123 10.83 9.92 -16.50
CA TYR A 123 10.52 9.84 -15.08
C TYR A 123 9.76 11.07 -14.61
N VAL A 124 9.24 11.02 -13.39
CA VAL A 124 8.53 12.14 -12.82
C VAL A 124 9.03 12.38 -11.39
N ASP A 125 9.38 13.63 -11.10
CA ASP A 125 9.83 14.01 -9.77
C ASP A 125 8.61 14.45 -8.99
N ALA A 126 8.43 13.88 -7.80
CA ALA A 126 7.30 14.24 -6.97
C ALA A 126 7.71 14.45 -5.52
N GLY A 127 7.16 15.47 -4.89
CA GLY A 127 7.47 15.73 -3.50
C GLY A 127 6.97 14.56 -2.68
N GLY A 128 7.65 14.26 -1.58
CA GLY A 128 7.24 13.15 -0.74
C GLY A 128 5.82 13.25 -0.19
N GLU A 129 5.30 14.47 -0.11
CA GLU A 129 3.97 14.70 0.43
C GLU A 129 2.86 14.56 -0.60
N GLN A 130 3.21 14.65 -1.87
CA GLN A 130 2.22 14.57 -2.95
C GLN A 130 1.47 13.25 -2.95
N VAL A 131 0.17 13.32 -3.25
CA VAL A 131 -0.63 12.10 -3.31
C VAL A 131 -0.56 11.55 -4.73
N TRP A 132 -0.60 10.23 -4.84
CA TRP A 132 -0.50 9.59 -6.15
C TRP A 132 -1.54 10.01 -7.18
N ILE A 133 -2.74 10.37 -6.74
CA ILE A 133 -3.76 10.81 -7.69
C ILE A 133 -3.28 12.05 -8.44
N ASP A 134 -2.56 12.93 -7.74
CA ASP A 134 -2.05 14.14 -8.38
C ASP A 134 -0.83 13.80 -9.23
N VAL A 135 -0.05 12.82 -8.80
CA VAL A 135 1.11 12.40 -9.57
C VAL A 135 0.57 11.85 -10.90
N LEU A 136 -0.52 11.10 -10.83
CA LEU A 136 -1.13 10.54 -12.04
C LEU A 136 -1.61 11.62 -13.01
N ARG A 137 -2.34 12.60 -12.49
CA ARG A 137 -2.85 13.68 -13.33
C ARG A 137 -1.73 14.47 -14.00
N ALA A 138 -0.70 14.81 -13.24
CA ALA A 138 0.42 15.57 -13.77
C ALA A 138 1.16 14.77 -14.84
N SER A 139 1.25 13.45 -14.64
CA SER A 139 1.93 12.60 -15.59
C SER A 139 1.15 12.47 -16.90
N LEU A 140 -0.14 12.18 -16.77
CA LEU A 140 -0.99 12.03 -17.94
C LEU A 140 -0.98 13.29 -18.81
N ALA A 141 -0.84 14.45 -18.17
CA ALA A 141 -0.81 15.72 -18.88
C ALA A 141 0.40 15.74 -19.82
N ARG A 142 1.37 14.88 -19.55
CA ARG A 142 2.57 14.78 -20.36
C ARG A 142 2.62 13.45 -21.14
N GLY A 143 1.49 12.76 -21.18
CA GLY A 143 1.42 11.50 -21.90
C GLY A 143 2.16 10.32 -21.29
N VAL A 144 2.45 10.39 -19.99
CA VAL A 144 3.15 9.30 -19.32
C VAL A 144 2.46 8.97 -17.99
N ALA A 145 2.94 7.94 -17.30
CA ALA A 145 2.36 7.54 -16.02
C ALA A 145 3.19 6.49 -15.31
N PRO A 146 3.20 6.52 -13.98
CA PRO A 146 3.96 5.55 -13.20
C PRO A 146 3.57 4.14 -13.65
N ARG A 147 4.46 3.18 -13.48
CA ARG A 147 4.22 1.80 -13.90
C ARG A 147 3.63 0.91 -12.81
N SER A 148 3.95 1.22 -11.55
CA SER A 148 3.49 0.43 -10.41
C SER A 148 2.66 1.29 -9.47
N TRP A 149 1.48 0.78 -9.11
CA TRP A 149 0.54 1.53 -8.27
C TRP A 149 0.13 0.86 -6.97
N THR A 150 -0.82 1.51 -6.30
CA THR A 150 -1.46 0.98 -5.10
C THR A 150 -2.93 0.97 -5.54
N ASP A 151 -3.76 0.14 -4.92
CA ASP A 151 -5.19 0.07 -5.29
C ASP A 151 -5.91 1.40 -5.10
N TYR A 152 -5.45 2.20 -4.14
CA TYR A 152 -6.06 3.48 -3.79
C TYR A 152 -5.05 4.60 -4.05
N LEU A 153 -5.48 5.65 -4.75
CA LEU A 153 -4.56 6.73 -5.10
C LEU A 153 -4.41 7.89 -4.13
N TYR A 154 -5.26 7.97 -3.11
CA TYR A 154 -5.14 9.09 -2.18
C TYR A 154 -4.22 8.77 -1.00
N LEU A 155 -2.99 8.41 -1.35
CA LEU A 155 -1.92 8.07 -0.41
C LEU A 155 -0.71 8.88 -0.88
N THR A 156 0.22 9.19 0.02
CA THR A 156 1.38 9.98 -0.41
C THR A 156 2.51 9.13 -0.96
N VAL A 157 3.37 9.77 -1.75
CA VAL A 157 4.52 9.10 -2.34
C VAL A 157 5.45 8.60 -1.23
N GLY A 158 5.77 9.48 -0.28
CA GLY A 158 6.64 9.08 0.80
C GLY A 158 6.05 8.00 1.68
N GLY A 159 4.73 8.02 1.80
CA GLY A 159 4.06 7.03 2.62
C GLY A 159 4.11 5.62 2.04
N THR A 160 3.72 5.47 0.77
CA THR A 160 3.74 4.15 0.16
C THR A 160 5.15 3.62 -0.01
N LEU A 161 6.09 4.53 -0.27
CA LEU A 161 7.49 4.13 -0.47
C LEU A 161 8.13 3.68 0.85
N SER A 162 7.60 4.15 1.97
CA SER A 162 8.15 3.76 3.27
C SER A 162 7.67 2.36 3.66
N ASN A 163 6.71 1.83 2.91
CA ASN A 163 6.17 0.50 3.15
C ASN A 163 6.59 -0.45 2.03
N ALA A 164 6.11 -0.19 0.82
CA ALA A 164 6.46 -0.98 -0.36
C ALA A 164 5.67 -0.45 -1.55
N GLY A 165 4.35 -0.41 -1.40
CA GLY A 165 3.49 0.08 -2.46
C GLY A 165 3.20 -1.00 -3.47
N ILE A 166 2.14 -1.76 -3.26
CA ILE A 166 1.79 -2.84 -4.17
C ILE A 166 0.38 -2.78 -4.72
N SER A 167 0.20 -3.42 -5.86
CA SER A 167 -1.10 -3.53 -6.53
C SER A 167 -0.97 -4.60 -7.60
N GLY A 168 -1.93 -4.69 -8.49
CA GLY A 168 -1.90 -5.72 -9.52
C GLY A 168 -0.78 -5.65 -10.55
N GLN A 169 0.00 -4.57 -10.56
CA GLN A 169 1.09 -4.45 -11.52
C GLN A 169 2.43 -4.91 -10.95
N ALA A 170 2.50 -5.05 -9.63
CA ALA A 170 3.73 -5.44 -8.95
C ALA A 170 4.35 -6.77 -9.38
N PHE A 171 3.53 -7.69 -9.89
CA PHE A 171 4.07 -8.98 -10.32
C PHE A 171 5.06 -8.82 -11.48
N ARG A 172 4.84 -7.82 -12.33
CA ARG A 172 5.75 -7.62 -13.46
C ARG A 172 6.66 -6.41 -13.35
N HIS A 173 6.25 -5.40 -12.59
CA HIS A 173 7.07 -4.19 -12.43
C HIS A 173 7.67 -4.09 -11.03
N GLY A 174 7.25 -4.98 -10.14
CA GLY A 174 7.74 -4.93 -8.78
C GLY A 174 6.98 -3.85 -8.01
N PRO A 175 7.12 -3.79 -6.68
CA PRO A 175 6.42 -2.79 -5.89
C PRO A 175 6.91 -1.39 -6.28
N GLN A 176 6.30 -0.35 -5.70
CA GLN A 176 6.71 1.00 -6.02
C GLN A 176 8.15 1.28 -5.60
N ILE A 177 8.64 0.62 -4.56
CA ILE A 177 10.03 0.84 -4.14
C ILE A 177 11.04 0.33 -5.17
N SER A 178 10.59 -0.49 -6.11
CA SER A 178 11.46 -1.00 -7.17
C SER A 178 11.39 -0.10 -8.41
N ASN A 179 10.64 1.00 -8.29
CA ASN A 179 10.48 1.92 -9.40
C ASN A 179 10.85 3.35 -9.02
N VAL A 180 11.90 3.49 -8.23
CA VAL A 180 12.39 4.79 -7.79
C VAL A 180 13.85 4.93 -8.24
N LEU A 181 14.16 5.99 -8.97
CA LEU A 181 15.52 6.22 -9.46
C LEU A 181 16.42 6.88 -8.41
N GLU A 182 15.87 7.86 -7.70
CA GLU A 182 16.61 8.56 -6.66
C GLU A 182 15.64 9.28 -5.74
N MET A 183 16.16 9.79 -4.63
CA MET A 183 15.34 10.50 -3.65
C MET A 183 16.16 11.54 -2.90
N ASP A 184 15.45 12.53 -2.35
CA ASP A 184 16.07 13.54 -1.51
C ASP A 184 15.52 13.13 -0.15
N VAL A 185 16.41 12.97 0.83
CA VAL A 185 16.00 12.57 2.16
C VAL A 185 16.69 13.43 3.21
N ILE A 186 15.94 13.85 4.22
CA ILE A 186 16.52 14.62 5.31
C ILE A 186 16.61 13.61 6.45
N THR A 187 17.83 13.26 6.84
CA THR A 187 18.05 12.27 7.89
C THR A 187 17.77 12.76 9.30
N GLY A 188 17.86 11.85 10.26
CA GLY A 188 17.63 12.20 11.65
C GLY A 188 18.65 13.23 12.12
N HIS A 189 19.73 13.37 11.37
CA HIS A 189 20.79 14.33 11.69
C HIS A 189 20.41 15.73 11.22
N GLY A 190 19.38 15.81 10.38
CA GLY A 190 18.95 17.10 9.86
C GLY A 190 19.71 17.46 8.59
N GLU A 191 20.34 16.45 7.99
CA GLU A 191 21.10 16.66 6.75
C GLU A 191 20.31 16.25 5.52
N MET A 192 20.28 17.12 4.51
CA MET A 192 19.59 16.85 3.26
C MET A 192 20.51 16.02 2.39
N VAL A 193 20.08 14.80 2.05
CA VAL A 193 20.90 13.90 1.24
C VAL A 193 20.16 13.36 0.03
N THR A 194 20.78 13.47 -1.14
CA THR A 194 20.18 12.92 -2.36
C THR A 194 20.79 11.54 -2.48
N CYS A 195 19.96 10.52 -2.68
CA CYS A 195 20.48 9.17 -2.77
C CYS A 195 19.88 8.35 -3.90
N SER A 196 20.62 7.31 -4.30
CA SER A 196 20.20 6.41 -5.37
C SER A 196 21.10 5.17 -5.30
N LYS A 197 21.01 4.30 -6.29
CA LYS A 197 21.85 3.10 -6.30
C LYS A 197 23.34 3.48 -6.47
N GLN A 198 23.60 4.62 -7.09
CA GLN A 198 24.98 5.07 -7.33
C GLN A 198 25.52 6.09 -6.30
N LEU A 199 24.64 6.66 -5.50
CA LEU A 199 25.05 7.65 -4.51
C LEU A 199 24.31 7.47 -3.20
N ASN A 200 25.06 7.28 -2.12
CA ASN A 200 24.47 7.08 -0.80
C ASN A 200 23.44 5.97 -0.89
N ALA A 201 23.83 4.89 -1.58
CA ALA A 201 22.96 3.74 -1.77
C ALA A 201 22.51 3.11 -0.46
N ASP A 202 23.31 3.24 0.60
CA ASP A 202 22.94 2.67 1.88
C ASP A 202 21.67 3.32 2.40
N LEU A 203 21.58 4.64 2.27
CA LEU A 203 20.40 5.37 2.72
C LEU A 203 19.22 5.07 1.78
N PHE A 204 19.53 4.99 0.48
CA PHE A 204 18.53 4.71 -0.54
C PHE A 204 17.81 3.39 -0.23
N ASP A 205 18.58 2.32 -0.05
CA ASP A 205 18.01 1.01 0.24
C ASP A 205 17.30 0.97 1.59
N ALA A 206 17.84 1.65 2.59
CA ALA A 206 17.24 1.68 3.93
C ALA A 206 15.89 2.37 3.95
N VAL A 207 15.80 3.52 3.30
CA VAL A 207 14.56 4.29 3.28
C VAL A 207 13.42 3.59 2.55
N LEU A 208 13.73 2.92 1.45
CA LEU A 208 12.70 2.21 0.68
C LEU A 208 12.18 1.04 1.51
N GLY A 209 10.94 1.18 1.97
CA GLY A 209 10.36 0.13 2.80
C GLY A 209 10.90 0.27 4.21
N GLY A 210 11.56 1.40 4.47
CA GLY A 210 12.17 1.66 5.77
C GLY A 210 11.26 2.13 6.90
N LEU A 211 9.97 2.19 6.64
CA LEU A 211 8.99 2.57 7.64
C LEU A 211 9.24 3.92 8.35
N GLY A 212 9.80 4.88 7.60
CA GLY A 212 10.07 6.20 8.15
C GLY A 212 11.06 6.27 9.31
N GLN A 213 11.91 5.25 9.43
CA GLN A 213 12.88 5.19 10.52
C GLN A 213 14.20 5.93 10.35
N PHE A 214 14.54 6.29 9.12
CA PHE A 214 15.83 6.92 8.84
C PHE A 214 15.83 8.37 8.37
N GLY A 215 14.66 8.88 7.99
CA GLY A 215 14.60 10.24 7.51
C GLY A 215 13.33 10.48 6.74
N VAL A 216 13.09 11.72 6.35
CA VAL A 216 11.89 12.05 5.60
C VAL A 216 12.18 12.24 4.13
N ILE A 217 11.42 11.54 3.29
CA ILE A 217 11.56 11.65 1.84
C ILE A 217 10.90 12.96 1.41
N THR A 218 11.66 13.87 0.83
CA THR A 218 11.07 15.14 0.38
C THR A 218 10.84 15.14 -1.13
N ARG A 219 11.54 14.25 -1.83
CA ARG A 219 11.40 14.12 -3.28
C ARG A 219 11.74 12.70 -3.73
N ALA A 220 10.92 12.16 -4.62
CA ALA A 220 11.17 10.83 -5.15
C ALA A 220 11.07 10.87 -6.66
N ARG A 221 12.07 10.32 -7.34
CA ARG A 221 12.11 10.27 -8.78
C ARG A 221 11.48 8.93 -9.18
N ILE A 222 10.29 9.00 -9.75
CA ILE A 222 9.54 7.82 -10.13
C ILE A 222 9.59 7.49 -11.60
N ALA A 223 9.91 6.23 -11.90
CA ALA A 223 9.99 5.77 -13.28
C ALA A 223 8.59 5.78 -13.90
N VAL A 224 8.49 6.12 -15.18
CA VAL A 224 7.21 6.13 -15.87
C VAL A 224 7.31 5.40 -17.21
N GLU A 225 6.16 5.19 -17.83
CA GLU A 225 6.08 4.53 -19.13
C GLU A 225 5.07 5.34 -19.94
N PRO A 226 5.08 5.19 -21.28
CA PRO A 226 4.09 5.97 -22.05
C PRO A 226 2.70 5.61 -21.53
N ALA A 227 1.85 6.60 -21.35
CA ALA A 227 0.52 6.37 -20.81
C ALA A 227 -0.48 5.68 -21.73
N PRO A 228 -1.08 4.58 -21.24
CA PRO A 228 -2.06 3.89 -22.08
C PRO A 228 -3.33 4.73 -21.99
N ALA A 229 -4.24 4.59 -22.94
CA ALA A 229 -5.47 5.37 -22.93
C ALA A 229 -6.63 4.67 -22.26
N ARG A 230 -6.69 3.35 -22.41
CA ARG A 230 -7.79 2.60 -21.83
C ARG A 230 -7.35 1.26 -21.25
N ALA A 231 -8.25 0.63 -20.51
CA ALA A 231 -7.97 -0.66 -19.92
C ALA A 231 -9.14 -1.61 -20.15
N ARG A 232 -8.85 -2.77 -20.75
CA ARG A 232 -9.89 -3.78 -20.94
C ARG A 232 -9.84 -4.45 -19.57
N TRP A 233 -10.95 -4.39 -18.87
CA TRP A 233 -11.10 -4.87 -17.50
C TRP A 233 -11.89 -6.17 -17.42
N VAL A 234 -11.28 -7.24 -16.91
CA VAL A 234 -11.98 -8.51 -16.85
C VAL A 234 -11.98 -9.23 -15.50
N ARG A 235 -13.05 -9.96 -15.24
CA ARG A 235 -13.18 -10.76 -14.03
C ARG A 235 -13.55 -12.19 -14.46
N LEU A 236 -12.83 -13.16 -13.91
CA LEU A 236 -13.04 -14.58 -14.22
C LEU A 236 -13.49 -15.25 -12.93
N VAL A 237 -14.52 -16.10 -13.01
CA VAL A 237 -15.04 -16.77 -11.82
C VAL A 237 -14.69 -18.25 -11.69
N TYR A 238 -14.35 -18.64 -10.45
CA TYR A 238 -13.98 -20.01 -10.13
C TYR A 238 -14.68 -20.46 -8.85
N THR A 239 -14.90 -21.77 -8.73
CA THR A 239 -15.49 -22.33 -7.51
C THR A 239 -14.41 -23.22 -6.91
N ASP A 240 -13.37 -23.48 -7.70
CA ASP A 240 -12.24 -24.33 -7.28
C ASP A 240 -10.98 -23.49 -7.06
N PHE A 241 -10.52 -23.43 -5.80
CA PHE A 241 -9.34 -22.64 -5.46
C PHE A 241 -8.08 -23.08 -6.21
N ALA A 242 -7.91 -24.39 -6.40
CA ALA A 242 -6.73 -24.89 -7.09
C ALA A 242 -6.65 -24.31 -8.51
N ALA A 243 -7.77 -24.27 -9.20
CA ALA A 243 -7.79 -23.73 -10.56
C ALA A 243 -7.57 -22.21 -10.52
N PHE A 244 -8.20 -21.55 -9.55
CA PHE A 244 -8.06 -20.11 -9.38
C PHE A 244 -6.60 -19.68 -9.18
N SER A 245 -5.92 -20.31 -8.23
CA SER A 245 -4.53 -19.97 -7.95
C SER A 245 -3.61 -20.38 -9.08
N ALA A 246 -3.87 -21.54 -9.69
CA ALA A 246 -3.05 -22.00 -10.79
C ALA A 246 -3.12 -21.00 -11.94
N ASP A 247 -4.30 -20.44 -12.20
CA ASP A 247 -4.45 -19.47 -13.27
C ASP A 247 -3.80 -18.12 -12.95
N GLN A 248 -3.84 -17.69 -11.70
CA GLN A 248 -3.20 -16.43 -11.32
C GLN A 248 -1.69 -16.56 -11.54
N GLU A 249 -1.16 -17.72 -11.17
CA GLU A 249 0.27 -17.97 -11.33
C GLU A 249 0.66 -18.06 -12.81
N ARG A 250 -0.24 -18.58 -13.63
CA ARG A 250 0.03 -18.70 -15.07
C ARG A 250 0.07 -17.31 -15.70
N LEU A 251 -0.88 -16.47 -15.31
CA LEU A 251 -0.96 -15.11 -15.85
C LEU A 251 0.20 -14.22 -15.40
N THR A 252 0.75 -14.50 -14.22
CA THR A 252 1.84 -13.67 -13.69
C THR A 252 3.24 -14.29 -13.79
N ALA A 253 3.33 -15.47 -14.38
CA ALA A 253 4.62 -16.16 -14.51
C ALA A 253 5.56 -15.51 -15.52
N PRO A 254 6.87 -15.55 -15.24
CA PRO A 254 7.87 -14.97 -16.15
C PRO A 254 7.93 -15.80 -17.42
N ARG A 255 8.18 -15.16 -18.55
CA ARG A 255 8.26 -15.87 -19.82
C ARG A 255 9.70 -16.22 -20.17
N SER A 262 10.66 -10.55 -18.69
CA SER A 262 9.61 -10.78 -19.65
C SER A 262 8.40 -11.46 -19.00
N PHE A 263 7.23 -10.84 -19.13
CA PHE A 263 6.01 -11.38 -18.55
C PHE A 263 4.91 -11.45 -19.60
N GLY A 264 3.81 -12.12 -19.27
CA GLY A 264 2.71 -12.25 -20.20
C GLY A 264 2.10 -10.92 -20.61
N PRO A 265 0.96 -10.94 -21.30
CA PRO A 265 0.24 -9.75 -21.78
C PRO A 265 -0.42 -8.87 -20.71
N MET A 266 -1.05 -9.50 -19.71
CA MET A 266 -1.76 -8.77 -18.66
C MET A 266 -0.97 -7.65 -17.97
N SER A 267 -1.63 -6.50 -17.81
CA SER A 267 -1.02 -5.33 -17.19
C SER A 267 -1.26 -5.31 -15.67
N TYR A 268 -2.28 -6.02 -15.25
CA TYR A 268 -2.70 -6.05 -13.85
C TYR A 268 -3.36 -7.38 -13.52
N VAL A 269 -3.06 -7.92 -12.34
CA VAL A 269 -3.68 -9.17 -11.91
C VAL A 269 -3.88 -9.22 -10.40
N GLU A 270 -5.15 -9.27 -9.98
CA GLU A 270 -5.47 -9.41 -8.56
C GLU A 270 -6.52 -10.50 -8.45
N GLY A 271 -7.03 -10.73 -7.25
CA GLY A 271 -8.03 -11.77 -7.06
C GLY A 271 -8.88 -11.43 -5.86
N SER A 272 -10.07 -12.03 -5.79
CA SER A 272 -11.01 -11.76 -4.69
C SER A 272 -11.63 -13.03 -4.17
N VAL A 273 -11.94 -13.06 -2.88
CA VAL A 273 -12.58 -14.21 -2.26
C VAL A 273 -13.97 -13.79 -1.80
N PHE A 274 -14.99 -14.51 -2.27
CA PHE A 274 -16.38 -14.21 -1.91
C PHE A 274 -16.96 -15.38 -1.12
N VAL A 275 -17.25 -15.17 0.16
CA VAL A 275 -17.83 -16.25 0.94
C VAL A 275 -19.30 -16.40 0.53
N ASN A 276 -19.77 -17.63 0.51
CA ASN A 276 -21.12 -17.95 0.10
C ASN A 276 -22.27 -17.23 0.82
N GLN A 277 -22.17 -17.10 2.13
CA GLN A 277 -23.22 -16.47 2.94
C GLN A 277 -23.76 -15.14 2.41
N SER A 278 -22.86 -14.25 1.97
CA SER A 278 -23.29 -12.96 1.46
C SER A 278 -22.90 -12.77 -0.01
N LEU A 279 -22.83 -13.87 -0.75
CA LEU A 279 -22.45 -13.86 -2.15
C LEU A 279 -23.16 -12.86 -3.05
N ALA A 280 -24.49 -12.95 -3.13
CA ALA A 280 -25.27 -12.06 -3.99
C ALA A 280 -25.00 -10.58 -3.69
N THR A 281 -25.06 -10.21 -2.42
CA THR A 281 -24.84 -8.83 -2.01
C THR A 281 -23.42 -8.37 -2.32
N ASP A 282 -22.43 -9.20 -2.01
CA ASP A 282 -21.05 -8.81 -2.26
C ASP A 282 -20.74 -8.66 -3.75
N LEU A 283 -21.23 -9.59 -4.57
CA LEU A 283 -20.99 -9.50 -6.01
C LEU A 283 -21.62 -8.23 -6.54
N ALA A 284 -22.81 -7.91 -6.05
CA ALA A 284 -23.51 -6.71 -6.49
C ALA A 284 -22.74 -5.46 -6.05
N ASN A 285 -22.18 -5.50 -4.86
CA ASN A 285 -21.44 -4.35 -4.35
C ASN A 285 -20.05 -4.16 -4.96
N THR A 286 -19.66 -5.03 -5.89
CA THR A 286 -18.36 -4.90 -6.53
C THR A 286 -18.38 -3.72 -7.51
N GLY A 287 -19.58 -3.38 -7.98
CA GLY A 287 -19.71 -2.30 -8.93
C GLY A 287 -19.22 -2.75 -10.30
N PHE A 288 -18.97 -4.05 -10.44
CA PHE A 288 -18.48 -4.61 -11.69
C PHE A 288 -19.55 -5.46 -12.38
N PHE A 289 -20.19 -6.34 -11.62
CA PHE A 289 -21.21 -7.24 -12.16
C PHE A 289 -22.61 -6.64 -12.26
N THR A 290 -23.37 -7.10 -13.25
CA THR A 290 -24.74 -6.66 -13.44
C THR A 290 -25.60 -7.65 -12.65
N ASP A 291 -26.86 -7.31 -12.41
CA ASP A 291 -27.73 -8.21 -11.66
C ASP A 291 -27.88 -9.54 -12.38
N ALA A 292 -27.77 -9.51 -13.71
CA ALA A 292 -27.87 -10.74 -14.50
C ALA A 292 -26.63 -11.58 -14.23
N ASP A 293 -25.46 -10.94 -14.18
CA ASP A 293 -24.21 -11.66 -13.91
C ASP A 293 -24.29 -12.29 -12.52
N VAL A 294 -24.74 -11.51 -11.54
CA VAL A 294 -24.88 -11.98 -10.16
C VAL A 294 -25.75 -13.22 -10.07
N ALA A 295 -26.90 -13.19 -10.73
CA ALA A 295 -27.82 -14.33 -10.70
C ALA A 295 -27.13 -15.60 -11.21
N ARG A 296 -26.34 -15.47 -12.27
CA ARG A 296 -25.66 -16.63 -12.83
C ARG A 296 -24.57 -17.19 -11.91
N ILE A 297 -23.86 -16.29 -11.24
CA ILE A 297 -22.79 -16.72 -10.32
C ILE A 297 -23.39 -17.36 -9.07
N VAL A 298 -24.49 -16.81 -8.57
CA VAL A 298 -25.16 -17.37 -7.40
C VAL A 298 -25.63 -18.78 -7.73
N ALA A 299 -26.18 -18.95 -8.94
CA ALA A 299 -26.66 -20.25 -9.39
C ALA A 299 -25.49 -21.23 -9.51
N LEU A 300 -24.39 -20.76 -10.06
CA LEU A 300 -23.19 -21.60 -10.21
C LEU A 300 -22.74 -22.13 -8.84
N ALA A 301 -22.67 -21.25 -7.85
CA ALA A 301 -22.24 -21.63 -6.50
C ALA A 301 -23.12 -22.72 -5.91
N GLY A 302 -24.43 -22.58 -6.08
CA GLY A 302 -25.36 -23.57 -5.56
C GLY A 302 -25.19 -24.90 -6.28
N GLU A 303 -24.93 -24.84 -7.58
CA GLU A 303 -24.73 -26.06 -8.36
C GLU A 303 -23.50 -26.80 -7.88
N ARG A 304 -22.41 -26.07 -7.61
CA ARG A 304 -21.18 -26.69 -7.14
C ARG A 304 -21.19 -26.89 -5.63
N ASN A 305 -22.22 -26.38 -4.96
CA ASN A 305 -22.34 -26.49 -3.52
C ASN A 305 -21.08 -25.88 -2.86
N ALA A 306 -20.66 -24.73 -3.38
CA ALA A 306 -19.47 -24.06 -2.88
C ALA A 306 -19.72 -23.13 -1.70
N THR A 307 -18.79 -23.14 -0.74
CA THR A 307 -18.90 -22.28 0.43
C THR A 307 -18.10 -21.00 0.15
N THR A 308 -17.37 -21.01 -0.96
CA THR A 308 -16.57 -19.86 -1.37
C THR A 308 -16.49 -19.77 -2.90
N VAL A 309 -16.41 -18.56 -3.41
CA VAL A 309 -16.29 -18.33 -4.85
C VAL A 309 -15.09 -17.43 -5.03
N TYR A 310 -14.29 -17.69 -6.07
CA TYR A 310 -13.08 -16.90 -6.32
C TYR A 310 -13.17 -16.18 -7.65
N SER A 311 -12.59 -15.00 -7.72
CA SER A 311 -12.61 -14.22 -8.95
C SER A 311 -11.28 -13.55 -9.24
N ILE A 312 -10.73 -13.83 -10.41
CA ILE A 312 -9.48 -13.19 -10.82
C ILE A 312 -9.90 -11.86 -11.44
N GLU A 313 -9.16 -10.80 -11.15
CA GLU A 313 -9.44 -9.50 -11.74
C GLU A 313 -8.19 -9.12 -12.51
N ALA A 314 -8.35 -8.84 -13.80
CA ALA A 314 -7.19 -8.50 -14.63
C ALA A 314 -7.52 -7.44 -15.66
N THR A 315 -6.50 -6.79 -16.19
CA THR A 315 -6.69 -5.79 -17.22
C THR A 315 -5.60 -5.88 -18.27
N LEU A 316 -5.88 -5.27 -19.41
CA LEU A 316 -4.93 -5.22 -20.52
C LEU A 316 -4.99 -3.77 -20.97
N ASN A 317 -3.92 -3.02 -20.76
CA ASN A 317 -3.87 -1.61 -21.15
C ASN A 317 -3.58 -1.48 -22.64
N TYR A 318 -4.20 -0.49 -23.26
CA TYR A 318 -4.00 -0.23 -24.69
C TYR A 318 -4.22 1.26 -24.97
N ASP A 319 -3.69 1.77 -26.08
CA ASP A 319 -3.83 3.18 -26.39
C ASP A 319 -4.97 3.53 -27.35
N ASN A 320 -4.90 4.72 -27.95
CA ASN A 320 -5.94 5.16 -28.87
C ASN A 320 -5.77 4.79 -30.34
N ALA A 321 -4.76 3.97 -30.65
CA ALA A 321 -4.54 3.56 -32.04
C ALA A 321 -5.83 2.99 -32.62
N THR A 322 -6.10 3.30 -33.88
CA THR A 322 -7.30 2.83 -34.55
C THR A 322 -7.55 1.33 -34.45
N ALA A 323 -6.48 0.53 -34.48
CA ALA A 323 -6.63 -0.92 -34.40
C ALA A 323 -6.45 -1.49 -33.00
N ALA A 324 -6.22 -0.62 -32.02
CA ALA A 324 -6.02 -1.03 -30.63
C ALA A 324 -7.10 -1.94 -30.06
N ALA A 325 -8.35 -1.49 -30.13
CA ALA A 325 -9.48 -2.25 -29.60
C ALA A 325 -9.58 -3.67 -30.15
N ALA A 326 -9.40 -3.81 -31.46
CA ALA A 326 -9.48 -5.13 -32.10
C ALA A 326 -8.31 -6.02 -31.68
N ALA A 327 -7.12 -5.42 -31.55
CA ALA A 327 -5.95 -6.18 -31.15
C ALA A 327 -6.16 -6.74 -29.75
N VAL A 328 -6.73 -5.92 -28.87
CA VAL A 328 -7.01 -6.31 -27.49
C VAL A 328 -7.98 -7.49 -27.44
N ASP A 329 -9.00 -7.46 -28.29
CA ASP A 329 -9.98 -8.54 -28.33
C ASP A 329 -9.30 -9.87 -28.65
N GLN A 330 -8.36 -9.84 -29.60
CA GLN A 330 -7.64 -11.04 -30.01
C GLN A 330 -6.66 -11.49 -28.93
N GLU A 331 -5.92 -10.54 -28.37
CA GLU A 331 -4.96 -10.83 -27.31
C GLU A 331 -5.70 -11.47 -26.14
N LEU A 332 -6.80 -10.85 -25.74
CA LEU A 332 -7.60 -11.34 -24.63
C LEU A 332 -8.15 -12.73 -24.90
N ALA A 333 -8.66 -12.94 -26.12
CA ALA A 333 -9.21 -14.24 -26.50
C ALA A 333 -8.14 -15.31 -26.34
N SER A 334 -6.92 -15.00 -26.74
CA SER A 334 -5.82 -15.94 -26.64
C SER A 334 -5.50 -16.27 -25.20
N VAL A 335 -5.26 -15.25 -24.39
CA VAL A 335 -4.94 -15.44 -22.99
C VAL A 335 -6.02 -16.26 -22.29
N LEU A 336 -7.28 -15.84 -22.43
CA LEU A 336 -8.38 -16.55 -21.78
C LEU A 336 -8.43 -18.02 -22.19
N GLY A 337 -8.03 -18.31 -23.43
CA GLY A 337 -8.03 -19.68 -23.90
C GLY A 337 -7.08 -20.58 -23.15
N THR A 338 -6.12 -19.99 -22.44
CA THR A 338 -5.14 -20.78 -21.69
C THR A 338 -5.61 -21.02 -20.25
N LEU A 339 -6.71 -20.40 -19.89
CA LEU A 339 -7.22 -20.51 -18.52
C LEU A 339 -8.27 -21.59 -18.29
N SER A 340 -8.64 -21.78 -17.02
CA SER A 340 -9.61 -22.79 -16.64
C SER A 340 -10.76 -22.30 -15.75
N TYR A 341 -11.17 -21.05 -15.93
CA TYR A 341 -12.29 -20.53 -15.14
C TYR A 341 -13.53 -21.27 -15.63
N VAL A 342 -14.62 -21.22 -14.88
CA VAL A 342 -15.83 -21.92 -15.30
C VAL A 342 -16.29 -21.43 -16.67
N GLU A 343 -16.52 -22.37 -17.59
CA GLU A 343 -16.94 -22.04 -18.94
C GLU A 343 -18.06 -21.01 -18.99
N GLY A 344 -17.83 -19.94 -19.74
CA GLY A 344 -18.82 -18.88 -19.89
C GLY A 344 -18.80 -17.85 -18.78
N PHE A 345 -17.89 -17.99 -17.82
CA PHE A 345 -17.83 -17.03 -16.72
C PHE A 345 -16.67 -16.04 -16.79
N ALA A 346 -16.57 -15.37 -17.94
CA ALA A 346 -15.58 -14.34 -18.18
C ALA A 346 -16.46 -13.12 -18.38
N PHE A 347 -16.18 -12.04 -17.64
CA PHE A 347 -16.98 -10.82 -17.72
C PHE A 347 -16.05 -9.66 -18.08
N GLN A 348 -16.45 -8.89 -19.08
CA GLN A 348 -15.63 -7.77 -19.52
C GLN A 348 -16.23 -6.38 -19.39
N ARG A 349 -15.35 -5.41 -19.16
CA ARG A 349 -15.70 -4.00 -19.06
C ARG A 349 -14.56 -3.27 -19.78
N ASP A 350 -14.83 -2.06 -20.25
CA ASP A 350 -13.82 -1.28 -20.95
C ASP A 350 -13.90 0.16 -20.46
N VAL A 351 -12.83 0.66 -19.87
CA VAL A 351 -12.84 2.03 -19.34
C VAL A 351 -11.55 2.78 -19.60
N ALA A 352 -11.59 4.09 -19.34
CA ALA A 352 -10.42 4.93 -19.50
C ALA A 352 -9.44 4.50 -18.42
N TYR A 353 -8.15 4.54 -18.75
CA TYR A 353 -7.09 4.13 -17.83
C TYR A 353 -7.20 4.81 -16.46
N ALA A 354 -7.34 6.14 -16.44
CA ALA A 354 -7.45 6.87 -15.19
C ALA A 354 -8.65 6.42 -14.36
N ALA A 355 -9.77 6.12 -15.02
CA ALA A 355 -10.96 5.67 -14.32
C ALA A 355 -10.70 4.34 -13.60
N PHE A 356 -10.00 3.44 -14.27
CA PHE A 356 -9.68 2.16 -13.64
C PHE A 356 -8.78 2.40 -12.44
N LEU A 357 -7.71 3.17 -12.64
CA LEU A 357 -6.77 3.45 -11.56
C LEU A 357 -7.37 4.08 -10.31
N ASP A 358 -8.38 4.93 -10.50
CA ASP A 358 -9.01 5.63 -9.38
C ASP A 358 -10.33 4.96 -8.94
N ARG A 359 -10.53 3.73 -9.35
CA ARG A 359 -11.74 2.96 -9.03
C ARG A 359 -12.12 2.92 -7.55
N VAL A 360 -11.14 2.79 -6.67
CA VAL A 360 -11.46 2.69 -5.24
C VAL A 360 -11.97 4.00 -4.63
N HIS A 361 -11.66 5.13 -5.26
CA HIS A 361 -12.14 6.41 -4.73
C HIS A 361 -13.67 6.43 -4.79
N GLY A 362 -14.23 5.80 -5.81
CA GLY A 362 -15.68 5.76 -5.94
C GLY A 362 -16.28 4.91 -4.83
N GLU A 363 -15.58 3.85 -4.46
CA GLU A 363 -16.06 2.97 -3.40
C GLU A 363 -16.05 3.76 -2.09
N GLU A 364 -15.03 4.60 -1.93
CA GLU A 364 -14.90 5.43 -0.74
C GLU A 364 -16.08 6.39 -0.63
N VAL A 365 -16.34 7.11 -1.72
CA VAL A 365 -17.44 8.06 -1.75
C VAL A 365 -18.76 7.41 -1.34
N ALA A 366 -19.05 6.24 -1.90
CA ALA A 366 -20.28 5.53 -1.59
C ALA A 366 -20.33 5.06 -0.14
N LEU A 367 -19.24 4.46 0.33
CA LEU A 367 -19.19 3.99 1.72
C LEU A 367 -19.30 5.15 2.71
N ASN A 368 -18.61 6.25 2.42
CA ASN A 368 -18.64 7.38 3.33
C ASN A 368 -20.04 7.98 3.45
N LYS A 369 -20.78 8.01 2.35
CA LYS A 369 -22.14 8.55 2.35
C LYS A 369 -22.99 7.72 3.31
N LEU A 370 -22.70 6.43 3.38
CA LEU A 370 -23.43 5.51 4.26
C LEU A 370 -22.83 5.52 5.65
N GLY A 371 -21.77 6.30 5.84
CA GLY A 371 -21.12 6.36 7.13
C GLY A 371 -20.42 5.03 7.40
N LEU A 372 -19.93 4.39 6.34
CA LEU A 372 -19.25 3.11 6.48
C LEU A 372 -17.78 3.16 6.06
N TRP A 373 -17.25 4.36 5.91
CA TRP A 373 -15.84 4.52 5.53
C TRP A 373 -15.04 4.84 6.78
N ARG A 374 -15.49 5.85 7.52
CA ARG A 374 -14.82 6.26 8.75
C ARG A 374 -15.25 5.39 9.94
N VAL A 375 -14.82 4.13 9.89
CA VAL A 375 -15.11 3.16 10.93
C VAL A 375 -13.81 2.40 11.20
N PRO A 376 -13.76 1.61 12.28
CA PRO A 376 -12.53 0.86 12.58
C PRO A 376 -12.14 -0.10 11.45
N HIS A 377 -10.86 -0.16 11.12
CA HIS A 377 -10.40 -1.05 10.06
C HIS A 377 -9.34 -2.06 10.54
N PRO A 378 -9.78 -3.17 11.15
CA PRO A 378 -8.84 -4.18 11.64
C PRO A 378 -8.39 -5.05 10.47
N TRP A 379 -7.72 -4.41 9.51
CA TRP A 379 -7.23 -5.09 8.31
C TRP A 379 -6.09 -6.06 8.60
N LEU A 380 -6.13 -7.22 7.95
CA LEU A 380 -5.08 -8.23 8.09
C LEU A 380 -4.37 -8.34 6.75
N ASN A 381 -3.09 -8.01 6.73
CA ASN A 381 -2.31 -8.05 5.49
C ASN A 381 -1.03 -8.85 5.68
N MET A 382 -0.78 -9.78 4.76
CA MET A 382 0.43 -10.58 4.85
C MET A 382 0.84 -11.16 3.51
N PHE A 383 2.09 -11.60 3.44
CA PHE A 383 2.62 -12.23 2.25
C PHE A 383 2.73 -13.70 2.61
N VAL A 384 2.03 -14.54 1.86
CA VAL A 384 2.02 -15.98 2.11
C VAL A 384 2.73 -16.74 1.00
N PRO A 385 3.75 -17.53 1.35
CA PRO A 385 4.47 -18.30 0.33
C PRO A 385 3.52 -19.18 -0.48
N ARG A 386 3.75 -19.25 -1.78
CA ARG A 386 2.91 -20.04 -2.67
C ARG A 386 2.66 -21.46 -2.18
N SER A 387 3.70 -22.11 -1.67
CA SER A 387 3.60 -23.50 -1.21
C SER A 387 2.57 -23.72 -0.13
N ARG A 388 2.13 -22.66 0.55
CA ARG A 388 1.14 -22.82 1.60
C ARG A 388 -0.15 -22.04 1.36
N ILE A 389 -0.31 -21.45 0.17
CA ILE A 389 -1.54 -20.69 -0.09
C ILE A 389 -2.79 -21.59 -0.05
N ALA A 390 -2.66 -22.82 -0.54
CA ALA A 390 -3.80 -23.73 -0.52
C ALA A 390 -4.18 -24.06 0.92
N ASP A 391 -3.18 -24.21 1.80
CA ASP A 391 -3.45 -24.48 3.21
C ASP A 391 -4.14 -23.27 3.83
N PHE A 392 -3.72 -22.07 3.41
CA PHE A 392 -4.32 -20.85 3.93
C PHE A 392 -5.79 -20.79 3.51
N ASP A 393 -6.07 -21.16 2.27
CA ASP A 393 -7.45 -21.15 1.77
C ASP A 393 -8.32 -22.10 2.60
N ARG A 394 -7.81 -23.30 2.85
CA ARG A 394 -8.53 -24.29 3.65
C ARG A 394 -8.80 -23.83 5.08
N GLY A 395 -7.75 -23.37 5.74
CA GLY A 395 -7.88 -22.94 7.12
C GLY A 395 -8.56 -21.60 7.37
N VAL A 396 -8.52 -20.70 6.40
CA VAL A 396 -9.13 -19.38 6.60
C VAL A 396 -10.39 -19.12 5.79
N PHE A 397 -10.28 -19.14 4.46
CA PHE A 397 -11.44 -18.89 3.60
C PHE A 397 -12.53 -19.94 3.75
N LYS A 398 -12.11 -21.21 3.79
CA LYS A 398 -13.05 -22.31 3.93
C LYS A 398 -13.21 -22.73 5.39
N GLY A 399 -12.43 -22.12 6.28
CA GLY A 399 -12.51 -22.47 7.69
C GLY A 399 -12.93 -21.35 8.62
N ILE A 400 -11.96 -20.71 9.26
CA ILE A 400 -12.21 -19.63 10.21
C ILE A 400 -13.26 -18.60 9.80
N LEU A 401 -13.17 -18.08 8.58
CA LEU A 401 -14.12 -17.07 8.10
C LEU A 401 -15.54 -17.56 7.85
N GLN A 402 -15.72 -18.86 7.67
CA GLN A 402 -17.05 -19.39 7.41
C GLN A 402 -17.98 -19.21 8.61
N GLY A 403 -19.21 -18.77 8.34
CA GLY A 403 -20.17 -18.56 9.40
C GLY A 403 -20.26 -17.12 9.89
N THR A 404 -19.34 -16.27 9.45
CA THR A 404 -19.35 -14.87 9.87
C THR A 404 -19.87 -13.98 8.75
N ASP A 405 -20.28 -12.77 9.10
CA ASP A 405 -20.76 -11.81 8.11
C ASP A 405 -19.59 -10.91 7.77
N ILE A 406 -19.02 -11.12 6.60
CA ILE A 406 -17.88 -10.35 6.17
C ILE A 406 -18.24 -9.04 5.48
N VAL A 407 -17.62 -7.96 5.93
CA VAL A 407 -17.82 -6.65 5.33
C VAL A 407 -16.43 -6.15 4.96
N GLY A 408 -16.20 -5.92 3.68
CA GLY A 408 -14.90 -5.47 3.21
C GLY A 408 -14.36 -6.50 2.25
N PRO A 409 -13.52 -6.11 1.28
CA PRO A 409 -12.98 -7.08 0.32
C PRO A 409 -11.88 -8.00 0.87
N LEU A 410 -11.83 -9.20 0.32
CA LEU A 410 -10.82 -10.18 0.70
C LEU A 410 -9.99 -10.34 -0.58
N ILE A 411 -8.81 -9.73 -0.59
CA ILE A 411 -7.95 -9.72 -1.76
C ILE A 411 -6.81 -10.73 -1.68
N VAL A 412 -6.58 -11.44 -2.79
CA VAL A 412 -5.54 -12.47 -2.89
C VAL A 412 -4.92 -12.52 -4.28
N TYR A 413 -3.59 -12.45 -4.36
CA TYR A 413 -2.92 -12.54 -5.66
C TYR A 413 -1.41 -12.75 -5.52
N PRO A 414 -0.82 -13.48 -6.48
CA PRO A 414 0.62 -13.78 -6.47
C PRO A 414 1.53 -12.64 -6.88
N LEU A 415 2.75 -12.70 -6.35
CA LEU A 415 3.79 -11.72 -6.63
C LEU A 415 5.08 -12.49 -6.93
N ASN A 416 5.94 -11.91 -7.77
CA ASN A 416 7.22 -12.54 -8.10
C ASN A 416 8.35 -11.89 -7.30
N LYS A 417 9.02 -12.69 -6.48
CA LYS A 417 10.11 -12.19 -5.65
C LYS A 417 11.24 -11.57 -6.48
N SER A 418 11.39 -12.05 -7.71
CA SER A 418 12.45 -11.53 -8.59
C SER A 418 12.34 -10.04 -8.84
N MET A 419 11.15 -9.46 -8.67
CA MET A 419 10.98 -8.04 -8.89
C MET A 419 11.13 -7.21 -7.62
N TRP A 420 11.55 -7.87 -6.54
CA TRP A 420 11.78 -7.20 -5.26
C TRP A 420 13.28 -7.19 -5.00
N ASP A 421 13.77 -6.11 -4.40
CA ASP A 421 15.19 -5.96 -4.08
C ASP A 421 15.35 -6.24 -2.59
N ASP A 422 15.82 -7.44 -2.25
CA ASP A 422 15.95 -7.79 -0.84
C ASP A 422 16.98 -6.97 -0.07
N GLY A 423 17.70 -6.10 -0.77
CA GLY A 423 18.66 -5.24 -0.11
C GLY A 423 17.92 -4.08 0.54
N MET A 424 16.73 -3.81 0.05
CA MET A 424 15.90 -2.73 0.60
C MET A 424 15.30 -3.23 1.91
N SER A 425 14.82 -2.31 2.75
CA SER A 425 14.26 -2.67 4.05
C SER A 425 13.01 -3.55 4.05
N ALA A 426 12.18 -3.45 3.02
CA ALA A 426 10.95 -4.24 2.96
C ALA A 426 11.22 -5.74 3.05
N ALA A 427 10.47 -6.43 3.92
CA ALA A 427 10.64 -7.86 4.11
C ALA A 427 9.62 -8.69 3.32
N THR A 428 10.08 -9.77 2.71
CA THR A 428 9.20 -10.64 1.94
C THR A 428 9.56 -12.10 2.22
N PRO A 429 8.65 -13.03 1.90
CA PRO A 429 8.92 -14.46 2.13
C PRO A 429 10.10 -14.88 1.24
N SER A 430 10.72 -16.02 1.56
CA SER A 430 11.86 -16.51 0.82
C SER A 430 11.53 -17.15 -0.53
N GLU A 431 10.31 -17.66 -0.69
CA GLU A 431 9.91 -18.32 -1.92
C GLU A 431 9.82 -17.40 -3.15
N ASP A 432 10.13 -17.95 -4.33
CA ASP A 432 10.11 -17.18 -5.58
C ASP A 432 8.76 -16.54 -5.87
N VAL A 433 7.69 -17.18 -5.42
CA VAL A 433 6.35 -16.66 -5.61
C VAL A 433 5.63 -16.67 -4.27
N PHE A 434 5.03 -15.53 -3.92
CA PHE A 434 4.29 -15.43 -2.66
C PHE A 434 3.06 -14.57 -2.92
N TYR A 435 2.02 -14.79 -2.11
CA TYR A 435 0.78 -14.07 -2.28
C TYR A 435 0.57 -12.89 -1.36
N ALA A 436 -0.01 -11.83 -1.92
CA ALA A 436 -0.38 -10.69 -1.14
C ALA A 436 -1.76 -11.15 -0.67
N VAL A 437 -1.99 -11.14 0.63
CA VAL A 437 -3.29 -11.54 1.16
C VAL A 437 -3.74 -10.36 2.01
N SER A 438 -4.81 -9.70 1.59
CA SER A 438 -5.32 -8.55 2.29
C SER A 438 -6.79 -8.70 2.63
N LEU A 439 -7.06 -9.02 3.90
CA LEU A 439 -8.43 -9.21 4.39
C LEU A 439 -8.80 -7.86 4.98
N LEU A 440 -9.48 -7.05 4.19
CA LEU A 440 -9.85 -5.70 4.58
C LEU A 440 -11.17 -5.56 5.34
N PHE A 441 -11.21 -6.13 6.53
CA PHE A 441 -12.40 -6.10 7.38
C PHE A 441 -12.77 -4.70 7.85
N SER A 442 -14.06 -4.36 7.73
CA SER A 442 -14.56 -3.09 8.21
C SER A 442 -15.45 -3.43 9.40
N SER A 443 -15.25 -2.75 10.53
CA SER A 443 -16.06 -2.99 11.71
C SER A 443 -17.27 -2.07 11.59
N VAL A 444 -18.33 -2.56 10.96
CA VAL A 444 -19.54 -1.78 10.77
C VAL A 444 -20.58 -2.08 11.85
N ALA A 445 -20.79 -3.36 12.14
CA ALA A 445 -21.75 -3.75 13.16
C ALA A 445 -21.37 -3.05 14.47
N PRO A 446 -22.37 -2.65 15.27
CA PRO A 446 -22.19 -1.96 16.56
C PRO A 446 -20.80 -2.12 17.17
N ASN A 447 -20.66 -3.01 18.13
CA ASN A 447 -19.38 -3.26 18.77
C ASN A 447 -18.90 -4.62 18.27
N ASP A 448 -18.42 -4.63 17.02
CA ASP A 448 -17.94 -5.84 16.38
C ASP A 448 -16.41 -5.87 16.27
N LEU A 449 -15.78 -4.77 16.69
CA LEU A 449 -14.33 -4.66 16.62
C LEU A 449 -13.59 -5.75 17.38
N ALA A 450 -13.96 -5.97 18.64
CA ALA A 450 -13.29 -6.98 19.46
C ALA A 450 -13.31 -8.35 18.80
N ARG A 451 -14.43 -8.71 18.19
CA ARG A 451 -14.55 -9.99 17.50
C ARG A 451 -13.58 -10.08 16.33
N LEU A 452 -13.48 -9.01 15.55
CA LEU A 452 -12.57 -9.01 14.41
C LEU A 452 -11.10 -9.09 14.87
N GLN A 453 -10.75 -8.34 15.91
CA GLN A 453 -9.38 -8.36 16.40
C GLN A 453 -9.00 -9.77 16.86
N GLU A 454 -9.93 -10.44 17.54
CA GLU A 454 -9.67 -11.78 18.03
C GLU A 454 -9.54 -12.73 16.83
N GLN A 455 -10.38 -12.53 15.83
CA GLN A 455 -10.35 -13.37 14.63
C GLN A 455 -8.99 -13.23 13.95
N ASN A 456 -8.45 -12.02 13.93
CA ASN A 456 -7.15 -11.81 13.30
C ASN A 456 -6.06 -12.56 14.06
N ARG A 457 -6.12 -12.52 15.40
CA ARG A 457 -5.12 -13.24 16.19
C ARG A 457 -5.25 -14.74 15.90
N ARG A 458 -6.48 -15.20 15.71
CA ARG A 458 -6.73 -16.61 15.45
C ARG A 458 -6.16 -17.02 14.09
N ILE A 459 -6.27 -16.14 13.12
CA ILE A 459 -5.75 -16.44 11.78
C ILE A 459 -4.22 -16.52 11.86
N LEU A 460 -3.60 -15.57 12.57
CA LEU A 460 -2.15 -15.58 12.71
C LEU A 460 -1.71 -16.83 13.46
N ARG A 461 -2.48 -17.21 14.49
CA ARG A 461 -2.17 -18.40 15.28
C ARG A 461 -2.21 -19.63 14.38
N PHE A 462 -3.26 -19.71 13.56
CA PHE A 462 -3.42 -20.83 12.64
C PHE A 462 -2.18 -20.95 11.76
N CYS A 463 -1.72 -19.83 11.20
CA CYS A 463 -0.55 -19.84 10.33
C CYS A 463 0.72 -20.23 11.07
N ASP A 464 0.88 -19.73 12.30
CA ASP A 464 2.08 -20.07 13.08
C ASP A 464 2.12 -21.56 13.39
N LEU A 465 0.99 -22.10 13.83
CA LEU A 465 0.91 -23.51 14.15
C LEU A 465 1.09 -24.39 12.92
N ALA A 466 0.65 -23.91 11.76
CA ALA A 466 0.76 -24.68 10.52
C ALA A 466 2.17 -24.58 9.94
N GLY A 467 2.99 -23.73 10.53
CA GLY A 467 4.36 -23.56 10.05
C GLY A 467 4.48 -22.74 8.79
N ILE A 468 3.51 -21.87 8.54
CA ILE A 468 3.53 -21.02 7.34
C ILE A 468 4.45 -19.82 7.57
N GLN A 469 5.49 -19.72 6.76
CA GLN A 469 6.47 -18.64 6.87
C GLN A 469 6.03 -17.36 6.18
N TYR A 470 5.00 -16.72 6.73
CA TYR A 470 4.48 -15.49 6.17
C TYR A 470 5.23 -14.27 6.69
N LYS A 471 5.00 -13.13 6.04
CA LYS A 471 5.59 -11.86 6.44
C LYS A 471 4.40 -10.91 6.47
N THR A 472 4.24 -10.14 7.53
CA THR A 472 3.13 -9.19 7.58
C THR A 472 3.51 -8.00 6.72
N TYR A 473 2.51 -7.19 6.39
CA TYR A 473 2.72 -5.98 5.61
C TYR A 473 1.78 -4.93 6.23
N LEU A 474 2.28 -3.71 6.37
CA LEU A 474 1.48 -2.62 6.93
C LEU A 474 1.12 -2.79 8.40
N ALA A 475 1.73 -3.78 9.04
CA ALA A 475 1.48 -4.04 10.46
C ALA A 475 2.70 -3.62 11.27
N ARG A 476 2.46 -3.19 12.51
CA ARG A 476 3.56 -2.83 13.39
C ARG A 476 3.54 -3.79 14.56
N HIS A 477 4.67 -4.44 14.80
CA HIS A 477 4.77 -5.39 15.90
C HIS A 477 5.12 -4.62 17.18
N THR A 478 4.81 -5.21 18.33
CA THR A 478 5.08 -4.56 19.61
C THR A 478 6.08 -5.30 20.48
N ASP A 479 6.80 -6.25 19.88
CA ASP A 479 7.81 -7.03 20.59
C ASP A 479 9.04 -7.09 19.71
N ARG A 480 10.21 -6.82 20.31
CA ARG A 480 11.47 -6.85 19.55
C ARG A 480 11.69 -8.16 18.81
N SER A 481 11.42 -9.28 19.49
CA SER A 481 11.62 -10.59 18.87
C SER A 481 10.78 -10.72 17.60
N ASP A 482 9.61 -10.09 17.57
CA ASP A 482 8.75 -10.17 16.38
C ASP A 482 9.35 -9.37 15.23
N TRP A 483 9.94 -8.22 15.52
CA TRP A 483 10.54 -7.41 14.47
C TRP A 483 11.80 -8.09 13.93
N VAL A 484 12.53 -8.76 14.80
CA VAL A 484 13.75 -9.44 14.37
C VAL A 484 13.39 -10.57 13.42
N ARG A 485 12.33 -11.31 13.75
CA ARG A 485 11.89 -12.41 12.90
C ARG A 485 11.28 -11.85 11.62
N HIS A 486 10.65 -10.68 11.73
CA HIS A 486 10.03 -10.03 10.58
C HIS A 486 11.06 -9.79 9.47
N PHE A 487 12.12 -9.06 9.81
CA PHE A 487 13.18 -8.74 8.84
C PHE A 487 14.13 -9.93 8.61
N GLY A 488 14.30 -10.74 9.64
CA GLY A 488 15.24 -11.85 9.58
C GLY A 488 16.44 -11.32 10.36
N ALA A 489 17.04 -12.14 11.22
CA ALA A 489 18.17 -11.72 12.05
C ALA A 489 19.28 -10.94 11.34
N ALA A 490 19.80 -11.49 10.25
CA ALA A 490 20.88 -10.85 9.50
C ALA A 490 20.44 -9.52 8.90
N LYS A 491 19.24 -9.50 8.31
CA LYS A 491 18.74 -8.27 7.71
C LYS A 491 18.44 -7.26 8.80
N TRP A 492 18.02 -7.75 9.97
CA TRP A 492 17.74 -6.88 11.10
C TRP A 492 18.98 -6.10 11.53
N ASN A 493 20.13 -6.77 11.58
CA ASN A 493 21.37 -6.11 11.97
C ASN A 493 21.68 -4.96 11.02
N ARG A 494 21.36 -5.15 9.74
CA ARG A 494 21.60 -4.11 8.74
C ARG A 494 20.67 -2.93 9.00
N PHE A 495 19.42 -3.25 9.33
CA PHE A 495 18.40 -2.24 9.62
C PHE A 495 18.87 -1.39 10.79
N VAL A 496 19.38 -2.06 11.82
CA VAL A 496 19.89 -1.39 13.02
C VAL A 496 21.11 -0.53 12.70
N GLU A 497 21.99 -1.03 11.84
CA GLU A 497 23.19 -0.28 11.47
C GLU A 497 22.77 1.03 10.81
N MET A 498 21.76 0.96 9.95
CA MET A 498 21.27 2.15 9.26
C MET A 498 20.57 3.09 10.26
N LYS A 499 19.94 2.52 11.27
CA LYS A 499 19.26 3.31 12.28
C LYS A 499 20.32 4.10 13.05
N ASN A 500 21.39 3.43 13.43
CA ASN A 500 22.47 4.07 14.18
C ASN A 500 23.12 5.19 13.37
N LYS A 501 23.25 4.97 12.07
CA LYS A 501 23.86 5.96 11.19
C LYS A 501 22.97 7.17 10.88
N TYR A 502 21.68 6.92 10.67
CA TYR A 502 20.76 7.98 10.29
C TYR A 502 19.78 8.54 11.33
N ASP A 503 19.48 7.77 12.36
CA ASP A 503 18.59 8.26 13.41
C ASP A 503 19.12 7.79 14.76
N PRO A 504 20.36 8.21 15.10
CA PRO A 504 21.01 7.84 16.35
C PRO A 504 20.20 8.09 17.61
N LYS A 505 19.38 9.14 17.62
CA LYS A 505 18.58 9.43 18.80
C LYS A 505 17.26 8.66 18.83
N ARG A 506 17.00 7.88 17.79
CA ARG A 506 15.78 7.08 17.71
C ARG A 506 14.54 7.93 17.97
N LEU A 507 14.37 8.95 17.14
CA LEU A 507 13.24 9.86 17.25
C LEU A 507 12.20 9.70 16.16
N LEU A 508 12.62 9.19 15.01
CA LEU A 508 11.72 9.08 13.87
C LEU A 508 10.71 7.94 13.82
N SER A 509 9.49 8.32 13.45
CA SER A 509 8.35 7.40 13.31
C SER A 509 8.26 6.38 14.44
N PRO A 510 8.15 6.86 15.69
CA PRO A 510 8.06 6.01 16.88
C PRO A 510 6.86 5.09 16.86
N GLY A 511 5.84 5.46 16.09
CA GLY A 511 4.63 4.67 15.99
C GLY A 511 4.82 3.26 15.42
N GLN A 512 5.96 3.02 14.79
CA GLN A 512 6.23 1.69 14.24
C GLN A 512 6.61 0.75 15.39
N ASP A 513 6.95 1.33 16.53
CA ASP A 513 7.32 0.56 17.72
C ASP A 513 8.51 -0.35 17.51
N ILE A 514 9.45 0.06 16.69
CA ILE A 514 10.63 -0.75 16.45
C ILE A 514 11.71 -0.37 17.45
N PHE A 515 12.01 0.93 17.52
CA PHE A 515 13.03 1.43 18.44
C PHE A 515 12.40 2.34 19.49
N ASN A 516 11.09 2.25 19.62
CA ASN A 516 10.34 3.05 20.60
C ASN A 516 9.21 2.22 21.19
C1 NAG B . 10.12 21.13 -9.93
C2 NAG B . 10.97 20.96 -8.67
C3 NAG B . 11.15 22.33 -8.01
C4 NAG B . 11.71 23.37 -9.00
C5 NAG B . 10.92 23.34 -10.33
C6 NAG B . 11.57 24.16 -11.42
C7 NAG B . 10.44 18.72 -7.96
C8 NAG B . 9.14 17.99 -8.26
N2 NAG B . 10.36 20.04 -7.74
O3 NAG B . 12.04 22.20 -6.91
O4 NAG B . 11.59 24.69 -8.44
O5 NAG B . 10.80 22.00 -10.84
O6 NAG B . 10.94 23.94 -12.68
O7 NAG B . 11.51 18.11 -7.94
C1 NAG B . 12.58 25.13 -7.57
C2 NAG B . 12.53 26.66 -7.50
C3 NAG B . 13.49 27.20 -6.43
C4 NAG B . 13.22 26.50 -5.09
C5 NAG B . 13.26 24.99 -5.27
C6 NAG B . 12.91 24.25 -3.99
C7 NAG B . 11.91 27.53 -9.66
C8 NAG B . 12.22 27.29 -11.13
N2 NAG B . 12.87 27.24 -8.79
O3 NAG B . 13.31 28.59 -6.29
O4 NAG B . 14.21 26.91 -4.14
O5 NAG B . 12.30 24.58 -6.27
O6 NAG B . 12.18 23.06 -4.26
O7 NAG B . 10.81 27.95 -9.33
C1 NAG C . -24.89 -20.46 0.89
C2 NAG C . -25.30 -21.84 1.42
C3 NAG C . -26.83 -21.99 1.34
C4 NAG C . -27.55 -20.80 1.98
C5 NAG C . -26.99 -19.47 1.45
C6 NAG C . -27.57 -18.27 2.17
C7 NAG C . -23.55 -23.46 1.05
C8 NAG C . -22.91 -24.49 0.13
N2 NAG C . -24.66 -22.88 0.63
O3 NAG C . -27.21 -23.18 2.01
O4 NAG C . -28.96 -20.88 1.68
O5 NAG C . -25.56 -19.43 1.63
O6 NAG C . -26.81 -17.10 1.90
O7 NAG C . -23.01 -23.20 2.12
C1 NAG C . -29.81 -20.92 2.76
C2 NAG C . -31.24 -20.53 2.31
C3 NAG C . -32.24 -20.76 3.44
C4 NAG C . -32.12 -22.20 3.96
C5 NAG C . -30.69 -22.45 4.40
C6 NAG C . -30.47 -23.85 4.92
C7 NAG C . -31.15 -18.77 0.65
C8 NAG C . -30.20 -17.64 0.33
N2 NAG C . -31.27 -19.13 1.92
O3 NAG C . -33.56 -20.53 2.95
O4 NAG C . -33.01 -22.38 5.05
O5 NAG C . -29.80 -22.27 3.27
O6 NAG C . -30.20 -24.76 3.87
O7 NAG C . -31.76 -19.34 -0.26
C1 NAG D . -22.33 -29.28 0.43
C2 NAG D . -22.30 -30.77 0.79
C3 NAG D . -22.47 -30.97 2.30
C4 NAG D . -21.44 -30.13 3.07
C5 NAG D . -21.51 -28.67 2.61
C6 NAG D . -20.44 -27.81 3.25
C7 NAG D . -23.09 -32.63 -0.53
C8 NAG D . -23.34 -33.90 0.26
N2 NAG D . -23.35 -31.47 0.07
O3 NAG D . -22.28 -32.34 2.62
O4 NAG D . -21.70 -30.22 4.48
O5 NAG D . -21.32 -28.58 1.18
O6 NAG D . -19.15 -28.13 2.76
O7 NAG D . -22.65 -32.70 -1.67
C1 NAG D . -20.59 -30.43 5.29
C2 NAG D . -20.76 -29.65 6.60
C3 NAG D . -19.56 -29.94 7.51
C4 NAG D . -19.39 -31.44 7.70
C5 NAG D . -19.32 -32.16 6.35
C6 NAG D . -19.28 -33.66 6.48
C7 NAG D . -21.27 -27.37 7.22
C8 NAG D . -20.25 -26.53 7.97
N2 NAG D . -20.82 -28.22 6.31
O3 NAG D . -19.76 -29.32 8.77
O4 NAG D . -18.21 -31.71 8.43
O5 NAG D . -20.50 -31.83 5.56
O6 NAG D . -20.58 -34.22 6.49
O7 NAG D . -22.48 -27.23 7.48
C1 NAG E . -12.67 6.60 15.33
C2 NAG E . -12.05 7.53 16.38
C3 NAG E . -13.17 8.28 17.13
C4 NAG E . -14.14 8.95 16.15
C5 NAG E . -14.62 7.96 15.09
C6 NAG E . -15.47 8.64 14.02
C7 NAG E . -9.96 6.52 17.06
C8 NAG E . -9.22 5.62 18.03
N2 NAG E . -11.25 6.75 17.31
O3 NAG E . -12.59 9.27 17.97
O4 NAG E . -15.26 9.46 16.87
O5 NAG E . -13.49 7.36 14.43
O6 NAG E . -14.74 8.83 12.82
O7 NAG E . -9.37 6.99 16.09
C1 NAG F . -6.92 9.02 -25.97
C2 NAG F . -6.11 10.28 -25.67
C3 NAG F . -6.93 11.23 -24.78
C4 NAG F . -8.31 11.49 -25.40
C5 NAG F . -9.00 10.17 -25.71
C6 NAG F . -10.34 10.35 -26.40
C7 NAG F . -3.78 10.67 -25.16
C8 NAG F . -2.83 10.25 -26.26
N2 NAG F . -4.88 9.92 -24.99
O3 NAG F . -6.23 12.46 -24.63
O4 NAG F . -9.10 12.25 -24.48
O5 NAG F . -8.17 9.37 -26.57
O6 NAG F . -10.17 10.56 -27.80
O7 NAG F . -3.55 11.65 -24.47
PA FAD G . 1.02 7.69 6.75
O1A FAD G . 0.07 6.62 7.20
O2A FAD G . 0.64 9.10 7.02
O5B FAD G . 2.49 7.28 7.21
C5B FAD G . 2.98 5.91 7.19
C4B FAD G . 4.40 5.89 7.79
O4B FAD G . 5.31 6.46 6.82
C3B FAD G . 4.61 6.62 9.11
O3B FAD G . 5.45 5.92 10.00
C2B FAD G . 5.22 7.95 8.66
O2B FAD G . 5.98 8.66 9.61
C1B FAD G . 6.01 7.57 7.40
N9A FAD G . 6.10 8.58 6.36
C8A FAD G . 5.07 9.25 5.74
N7A FAD G . 5.46 10.11 4.83
C5A FAD G . 6.85 9.98 4.83
C6A FAD G . 7.88 10.63 4.06
N6A FAD G . 7.59 11.55 3.14
N1A FAD G . 9.18 10.28 4.30
C2A FAD G . 9.44 9.33 5.27
N3A FAD G . 8.56 8.66 6.04
C4A FAD G . 7.24 9.06 5.76
N1 FAD G . -0.87 -0.12 0.58
C2 FAD G . -0.41 -0.87 -0.58
O2 FAD G . 0.74 -1.31 -0.69
N3 FAD G . -1.33 -1.16 -1.61
C4 FAD G . -2.64 -0.69 -1.67
O4 FAD G . -3.38 -0.90 -2.63
C4X FAD G . -3.22 -0.29 -0.37
N5 FAD G . -4.32 0.59 -0.50
C5X FAD G . -4.77 1.33 0.60
C6 FAD G . -6.11 1.82 0.62
C7 FAD G . -6.60 2.57 1.67
C7M FAD G . -8.06 3.03 1.57
C8 FAD G . -5.78 2.90 2.78
C8M FAD G . -6.27 3.81 3.94
C9 FAD G . -4.41 2.42 2.79
C9A FAD G . -3.90 1.64 1.71
N10 FAD G . -2.56 1.11 1.65
C10 FAD G . -2.16 0.34 0.56
C1' FAD G . -1.60 1.26 2.83
C2' FAD G . -0.71 2.46 2.67
O2' FAD G . 0.20 2.17 1.54
C3' FAD G . -0.07 2.90 3.91
O3' FAD G . -1.18 3.32 4.75
C4' FAD G . 1.04 3.92 3.80
O4' FAD G . 1.47 4.33 5.08
C5' FAD G . 0.75 5.15 2.93
O5' FAD G . -0.17 6.01 3.57
P FAD G . 0.09 7.63 3.93
O1P FAD G . 0.69 8.29 2.77
O2P FAD G . -1.16 8.18 4.51
O3P FAD G . 1.13 7.61 5.15
C15 301 H . -4.17 -3.10 2.20
C14 301 H . -3.41 -1.95 1.56
C13 301 H . -3.67 -1.55 0.25
C12 301 H . -4.74 -2.14 -0.44
C11 301 H . -6.04 -1.68 -0.29
N1 301 H . -8.57 -0.85 0.07
C2 301 H . -9.82 -0.45 0.26
N3 301 H . -10.78 -0.73 -0.61
C4 301 H . -10.50 -1.44 -1.71
C5 301 H . -9.21 -1.88 -1.95
C6 301 H . -8.23 -1.57 -1.01
N10 301 H . -6.97 -1.98 -1.18
N7 301 H . -9.22 -2.56 -3.09
C8 301 H . -10.47 -2.54 -3.56
N9 301 H . -11.25 -1.87 -2.72
C1 GOL I . 2.23 -3.73 -19.46
O1 GOL I . 1.06 -3.13 -18.91
C2 GOL I . 3.28 -2.65 -19.73
O2 GOL I . 3.60 -1.98 -18.51
C3 GOL I . 4.53 -3.30 -20.32
O3 GOL I . 5.52 -2.29 -20.58
#